data_4I4V
#
_entry.id   4I4V
#
_cell.length_a   66.510
_cell.length_b   69.850
_cell.length_c   71.360
_cell.angle_alpha   90.00
_cell.angle_beta   106.26
_cell.angle_gamma   90.00
#
_symmetry.space_group_name_H-M   'P 1 21 1'
#
loop_
_entity.id
_entity.type
_entity.pdbx_description
1 polymer 'BEL beta-trefoil'
2 non-polymer 2-acetamido-2-deoxy-beta-D-galactopyranose
3 non-polymer 2-AMINO-2-HYDROXYMETHYL-PROPANE-1,3-DIOL
4 water water
#
_entity_poly.entity_id   1
_entity_poly.type   'polypeptide(L)'
_entity_poly.pdbx_seq_one_letter_code
;VNFPNIPAEGVQFRLRARDTGYVIYSRTENPPLVWQYNGPPYDDQLFTLIYGTGPRKNLYAIKSVPNGRVLFSRTSASPY
VGNIAGDGTYNDNWFQFIQDDNDPNSFRIYNLASDTVLYSRTTADPKFGNFTGAKYDDQLWHFELV
;
_entity_poly.pdbx_strand_id   A,B,C,D
#
# COMPACT_ATOMS: atom_id res chain seq x y z
N VAL A 1 11.94 -15.74 10.45
CA VAL A 1 12.04 -16.92 11.37
C VAL A 1 10.99 -16.79 12.46
N ASN A 2 10.28 -17.89 12.72
CA ASN A 2 9.33 -17.90 13.82
C ASN A 2 10.04 -17.71 15.16
N PHE A 3 9.42 -16.94 16.04
CA PHE A 3 9.96 -16.74 17.39
C PHE A 3 10.20 -18.09 18.04
N PRO A 4 11.42 -18.33 18.56
CA PRO A 4 11.77 -19.67 19.08
C PRO A 4 11.22 -19.99 20.46
N ASN A 5 10.66 -19.00 21.16
CA ASN A 5 10.15 -19.21 22.52
C ASN A 5 8.68 -18.85 22.68
N ILE A 6 7.84 -19.55 21.93
CA ILE A 6 6.40 -19.37 21.97
C ILE A 6 5.85 -20.23 23.11
N PRO A 7 5.02 -19.62 24.01
CA PRO A 7 4.51 -20.37 25.16
C PRO A 7 3.72 -21.60 24.73
N ALA A 8 3.87 -22.67 25.51
CA ALA A 8 3.12 -23.91 25.26
C ALA A 8 1.62 -23.63 25.30
N GLU A 9 0.85 -24.46 24.59
CA GLU A 9 -0.59 -24.28 24.53
C GLU A 9 -1.20 -24.26 25.93
N GLY A 10 -2.02 -23.26 26.21
CA GLY A 10 -2.69 -23.14 27.51
C GLY A 10 -1.93 -22.36 28.57
N VAL A 11 -0.65 -22.11 28.33
CA VAL A 11 0.16 -21.30 29.26
C VAL A 11 -0.28 -19.84 29.21
N GLN A 12 -0.46 -19.22 30.38
CA GLN A 12 -0.95 -17.84 30.46
C GLN A 12 0.18 -16.81 30.42
N PHE A 13 -0.10 -15.68 29.76
CA PHE A 13 0.89 -14.61 29.61
C PHE A 13 0.23 -13.28 29.32
N ARG A 14 1.00 -12.21 29.52
CA ARG A 14 0.66 -10.89 29.00
C ARG A 14 1.46 -10.66 27.73
N LEU A 15 0.92 -9.80 26.87
CA LEU A 15 1.66 -9.36 25.69
C LEU A 15 2.10 -7.93 25.95
N ARG A 16 3.41 -7.76 26.16
CA ARG A 16 3.97 -6.46 26.48
C ARG A 16 4.87 -5.96 25.37
N ALA A 17 4.65 -4.71 24.95
CA ALA A 17 5.47 -4.10 23.92
C ALA A 17 6.85 -3.79 24.48
N ARG A 18 7.87 -4.13 23.69
CA ARG A 18 9.26 -3.96 24.11
C ARG A 18 9.59 -2.52 24.51
N ASP A 19 9.21 -1.57 23.66
CA ASP A 19 9.61 -0.18 23.83
C ASP A 19 8.69 0.63 24.76
N THR A 20 7.39 0.66 24.49
CA THR A 20 6.46 1.40 25.36
C THR A 20 6.32 0.77 26.74
N GLY A 21 6.39 -0.55 26.80
CA GLY A 21 6.15 -1.30 28.03
C GLY A 21 4.67 -1.47 28.32
N TYR A 22 3.82 -1.07 27.37
CA TYR A 22 2.37 -1.21 27.53
C TYR A 22 1.95 -2.65 27.22
N VAL A 23 0.82 -3.06 27.78
CA VAL A 23 0.28 -4.40 27.52
C VAL A 23 -1.02 -4.36 26.73
N ILE A 24 -1.32 -5.43 26.02
CA ILE A 24 -2.60 -5.58 25.34
C ILE A 24 -3.67 -6.06 26.32
N TYR A 25 -4.87 -5.50 26.20
CA TYR A 25 -6.02 -6.07 26.88
C TYR A 25 -7.10 -6.44 25.87
N SER A 26 -7.95 -7.38 26.25
CA SER A 26 -9.06 -7.83 25.42
C SER A 26 -10.26 -8.03 26.33
N ARG A 27 -11.24 -7.13 26.20
CA ARG A 27 -12.41 -7.14 27.10
C ARG A 27 -13.73 -7.15 26.32
N THR A 28 -14.85 -7.15 27.04
CA THR A 28 -16.18 -7.26 26.41
C THR A 28 -17.06 -6.03 26.55
N GLU A 29 -16.62 -5.06 27.36
CA GLU A 29 -17.34 -3.82 27.57
C GLU A 29 -16.45 -2.62 27.32
N ASN A 30 -17.06 -1.50 26.94
CA ASN A 30 -16.39 -0.20 26.85
C ASN A 30 -15.30 -0.11 25.79
N PRO A 31 -15.70 0.11 24.52
CA PRO A 31 -14.75 0.18 23.40
C PRO A 31 -13.72 1.31 23.57
N PRO A 32 -12.48 1.11 23.10
CA PRO A 32 -12.01 -0.06 22.33
C PRO A 32 -11.87 -1.32 23.19
N LEU A 33 -12.42 -2.42 22.68
CA LEU A 33 -12.41 -3.70 23.41
C LEU A 33 -11.03 -4.35 23.43
N VAL A 34 -10.23 -4.07 22.41
CA VAL A 34 -8.83 -4.46 22.39
C VAL A 34 -8.00 -3.20 22.21
N TRP A 35 -7.08 -2.97 23.14
CA TRP A 35 -6.22 -1.78 23.10
C TRP A 35 -5.00 -2.02 23.94
N GLN A 36 -4.16 -0.99 24.06
CA GLN A 36 -3.00 -1.04 24.95
C GLN A 36 -3.30 -0.36 26.28
N TYR A 37 -2.52 -0.72 27.30
CA TYR A 37 -2.75 -0.21 28.64
C TYR A 37 -1.45 -0.06 29.42
N ASN A 38 -1.36 1.06 30.14
CA ASN A 38 -0.26 1.34 31.05
C ASN A 38 -0.82 1.55 32.44
N GLY A 39 -0.80 0.49 33.25
CA GLY A 39 -1.30 0.55 34.61
C GLY A 39 -1.28 -0.81 35.29
N PRO A 40 -2.10 -0.97 36.36
CA PRO A 40 -2.13 -2.19 37.16
C PRO A 40 -2.54 -3.43 36.36
N PRO A 41 -2.08 -4.62 36.80
CA PRO A 41 -2.50 -5.87 36.16
C PRO A 41 -4.00 -6.14 36.33
N TYR A 42 -4.70 -6.28 35.21
CA TYR A 42 -6.09 -6.75 35.19
C TYR A 42 -6.12 -8.09 34.47
N ASP A 43 -7.11 -8.91 34.78
CA ASP A 43 -7.26 -10.24 34.18
C ASP A 43 -7.48 -10.21 32.67
N ASP A 44 -8.08 -9.13 32.16
CA ASP A 44 -8.33 -9.01 30.72
C ASP A 44 -7.05 -8.76 29.89
N GLN A 45 -5.91 -8.73 30.57
CA GLN A 45 -4.60 -8.65 29.93
C GLN A 45 -3.96 -10.03 29.80
N LEU A 46 -4.66 -11.06 30.29
CA LEU A 46 -4.13 -12.43 30.27
C LEU A 46 -4.62 -13.20 29.05
N PHE A 47 -3.68 -13.86 28.39
CA PHE A 47 -3.95 -14.62 27.19
C PHE A 47 -3.31 -16.01 27.23
N THR A 48 -3.87 -16.91 26.43
CA THR A 48 -3.22 -18.18 26.11
C THR A 48 -3.25 -18.33 24.60
N LEU A 49 -2.53 -19.32 24.08
CA LEU A 49 -2.52 -19.59 22.65
C LEU A 49 -3.26 -20.87 22.32
N ILE A 50 -4.03 -20.83 21.23
CA ILE A 50 -4.56 -22.02 20.59
C ILE A 50 -3.63 -22.31 19.41
N TYR A 51 -3.00 -23.48 19.42
CA TYR A 51 -2.05 -23.85 18.38
C TYR A 51 -2.77 -24.25 17.10
N GLY A 52 -2.43 -23.59 16.00
CA GLY A 52 -2.95 -23.95 14.69
C GLY A 52 -2.34 -25.24 14.18
N THR A 53 -3.14 -26.03 13.48
CA THR A 53 -2.66 -27.25 12.86
C THR A 53 -3.09 -27.27 11.40
N GLY A 54 -2.55 -28.21 10.63
CA GLY A 54 -2.88 -28.33 9.21
C GLY A 54 -2.54 -27.06 8.48
N PRO A 55 -3.54 -26.43 7.83
CA PRO A 55 -3.29 -25.18 7.11
C PRO A 55 -2.90 -24.02 8.04
N ARG A 56 -3.10 -24.20 9.34
CA ARG A 56 -2.80 -23.17 10.32
CA ARG A 56 -2.78 -23.15 10.30
C ARG A 56 -1.52 -23.44 11.11
N LYS A 57 -0.74 -24.41 10.65
CA LYS A 57 0.55 -24.72 11.27
C LYS A 57 1.43 -23.46 11.28
N ASN A 58 2.03 -23.20 12.44
CA ASN A 58 2.82 -21.98 12.69
C ASN A 58 2.01 -20.70 12.88
N LEU A 59 0.69 -20.87 12.96
CA LEU A 59 -0.20 -19.79 13.36
C LEU A 59 -0.88 -20.15 14.67
N TYR A 60 -1.39 -19.11 15.34
CA TYR A 60 -1.96 -19.25 16.67
C TYR A 60 -3.12 -18.30 16.84
N ALA A 61 -4.14 -18.75 17.57
CA ALA A 61 -5.18 -17.85 18.02
C ALA A 61 -4.82 -17.36 19.41
N ILE A 62 -5.07 -16.07 19.66
CA ILE A 62 -4.71 -15.44 20.93
C ILE A 62 -6.00 -15.27 21.75
N LYS A 63 -6.15 -16.12 22.76
CA LYS A 63 -7.40 -16.28 23.49
C LYS A 63 -7.39 -15.63 24.87
N SER A 64 -8.43 -14.86 25.18
CA SER A 64 -8.54 -14.19 26.48
C SER A 64 -8.83 -15.18 27.60
N VAL A 65 -8.07 -15.10 28.68
CA VAL A 65 -8.30 -15.97 29.85
C VAL A 65 -9.69 -15.74 30.49
N PRO A 66 -10.02 -14.48 30.86
CA PRO A 66 -11.30 -14.26 31.53
C PRO A 66 -12.56 -14.39 30.66
N ASN A 67 -12.50 -13.99 29.39
CA ASN A 67 -13.70 -13.99 28.56
C ASN A 67 -13.73 -14.97 27.38
N GLY A 68 -12.60 -15.60 27.08
CA GLY A 68 -12.54 -16.66 26.08
C GLY A 68 -12.52 -16.24 24.62
N ARG A 69 -12.66 -14.94 24.37
CA ARG A 69 -12.68 -14.45 23.00
C ARG A 69 -11.26 -14.41 22.45
N VAL A 70 -11.13 -14.58 21.14
CA VAL A 70 -9.84 -14.53 20.47
C VAL A 70 -9.68 -13.21 19.75
N LEU A 71 -8.43 -12.78 19.57
CA LEU A 71 -8.15 -11.55 18.85
C LEU A 71 -8.36 -11.71 17.35
N PHE A 72 -8.68 -10.61 16.69
CA PHE A 72 -8.61 -10.56 15.23
C PHE A 72 -7.93 -9.28 14.80
N SER A 73 -7.34 -9.31 13.61
CA SER A 73 -6.68 -8.15 13.05
C SER A 73 -7.00 -8.10 11.56
N ARG A 74 -7.73 -7.07 11.16
CA ARG A 74 -8.27 -6.98 9.80
C ARG A 74 -8.14 -5.55 9.27
N THR A 75 -8.41 -5.39 7.97
CA THR A 75 -8.37 -4.08 7.32
C THR A 75 -9.70 -3.72 6.66
N SER A 76 -10.66 -4.62 6.73
N SER A 76 -10.67 -4.62 6.76
CA SER A 76 -11.92 -4.49 5.99
CA SER A 76 -11.93 -4.53 5.99
C SER A 76 -12.92 -3.56 6.68
C SER A 76 -13.05 -3.74 6.67
N ALA A 77 -13.02 -3.66 8.00
CA ALA A 77 -14.02 -2.93 8.78
C ALA A 77 -13.47 -2.54 10.15
N SER A 78 -14.06 -1.48 10.72
CA SER A 78 -13.78 -1.05 12.09
C SER A 78 -14.63 -1.83 13.09
N PRO A 79 -14.03 -2.23 14.24
CA PRO A 79 -12.64 -2.00 14.62
C PRO A 79 -11.69 -2.91 13.85
N TYR A 80 -10.49 -2.41 13.55
CA TYR A 80 -9.50 -3.18 12.80
C TYR A 80 -8.87 -4.27 13.65
N VAL A 81 -8.63 -3.96 14.93
CA VAL A 81 -8.18 -4.96 15.89
C VAL A 81 -9.31 -5.12 16.91
N GLY A 82 -9.74 -6.35 17.12
CA GLY A 82 -10.86 -6.60 18.03
C GLY A 82 -10.83 -8.01 18.55
N ASN A 83 -11.94 -8.42 19.14
CA ASN A 83 -12.07 -9.79 19.60
C ASN A 83 -13.39 -10.41 19.17
N ILE A 84 -13.45 -11.73 19.19
CA ILE A 84 -14.63 -12.48 18.78
C ILE A 84 -14.63 -13.82 19.51
N ALA A 85 -15.82 -14.33 19.82
CA ALA A 85 -15.94 -15.61 20.51
C ALA A 85 -15.50 -16.77 19.63
N GLY A 86 -15.25 -17.91 20.27
CA GLY A 86 -14.81 -19.12 19.58
C GLY A 86 -13.35 -19.44 19.82
N ASP A 87 -12.83 -20.36 19.03
CA ASP A 87 -11.43 -20.79 19.15
C ASP A 87 -10.66 -20.51 17.87
N GLY A 88 -11.01 -19.43 17.18
CA GLY A 88 -10.40 -19.09 15.90
C GLY A 88 -11.23 -19.55 14.72
N THR A 89 -12.52 -19.26 14.78
CA THR A 89 -13.46 -19.61 13.72
C THR A 89 -13.11 -18.94 12.38
N TYR A 90 -12.55 -17.75 12.44
CA TYR A 90 -12.32 -16.95 11.25
C TYR A 90 -10.85 -16.80 10.90
N ASN A 91 -10.58 -16.65 9.60
CA ASN A 91 -9.23 -16.60 9.08
C ASN A 91 -8.35 -15.54 9.74
N ASP A 92 -8.92 -14.36 9.98
CA ASP A 92 -8.17 -13.26 10.59
C ASP A 92 -8.01 -13.40 12.10
N ASN A 93 -8.35 -14.56 12.65
CA ASN A 93 -8.10 -14.87 14.07
C ASN A 93 -6.72 -15.52 14.26
N TRP A 94 -5.96 -15.64 13.17
CA TRP A 94 -4.74 -16.46 13.19
C TRP A 94 -3.47 -15.68 12.99
N PHE A 95 -2.56 -15.81 13.95
CA PHE A 95 -1.35 -15.00 14.02
C PHE A 95 -0.07 -15.80 13.98
N GLN A 96 0.94 -15.22 13.34
CA GLN A 96 2.28 -15.76 13.30
C GLN A 96 3.16 -14.89 14.17
N PHE A 97 4.04 -15.51 14.96
CA PHE A 97 4.98 -14.74 15.78
C PHE A 97 6.34 -14.76 15.12
N ILE A 98 6.71 -13.64 14.53
CA ILE A 98 7.90 -13.55 13.69
C ILE A 98 9.01 -12.84 14.46
N GLN A 99 10.09 -13.56 14.73
CA GLN A 99 11.24 -13.01 15.45
C GLN A 99 11.80 -11.79 14.70
N ASP A 100 12.20 -10.77 15.46
CA ASP A 100 12.82 -9.60 14.83
C ASP A 100 14.15 -9.97 14.17
N ASP A 101 14.46 -9.28 13.07
CA ASP A 101 15.71 -9.49 12.32
C ASP A 101 16.95 -9.09 13.10
N ASN A 102 16.79 -8.17 14.05
CA ASN A 102 17.93 -7.63 14.81
C ASN A 102 17.93 -8.08 16.26
N ASP A 103 16.78 -7.98 16.92
CA ASP A 103 16.62 -8.34 18.32
C ASP A 103 16.00 -9.73 18.43
N PRO A 104 16.80 -10.75 18.79
CA PRO A 104 16.25 -12.11 18.83
C PRO A 104 15.25 -12.33 19.97
N ASN A 105 15.19 -11.38 20.90
CA ASN A 105 14.35 -11.50 22.09
C ASN A 105 12.94 -10.96 21.94
N SER A 106 12.64 -10.39 20.78
CA SER A 106 11.30 -9.88 20.53
CA SER A 106 11.32 -9.81 20.49
C SER A 106 10.75 -10.34 19.18
N PHE A 107 9.46 -10.13 18.98
CA PHE A 107 8.77 -10.63 17.80
C PHE A 107 7.65 -9.68 17.37
N ARG A 108 7.22 -9.83 16.12
CA ARG A 108 6.03 -9.18 15.63
C ARG A 108 4.85 -10.12 15.70
N ILE A 109 3.67 -9.53 15.93
CA ILE A 109 2.41 -10.26 15.97
C ILE A 109 1.75 -10.04 14.62
N TYR A 110 1.96 -11.01 13.74
CA TYR A 110 1.63 -10.90 12.33
C TYR A 110 0.35 -11.66 11.98
N ASN A 111 -0.49 -11.03 11.17
CA ASN A 111 -1.73 -11.65 10.73
C ASN A 111 -1.66 -11.97 9.24
N LEU A 112 -1.72 -13.27 8.90
CA LEU A 112 -1.63 -13.71 7.52
C LEU A 112 -2.82 -13.24 6.69
N ALA A 113 -4.03 -13.29 7.26
CA ALA A 113 -5.21 -12.92 6.50
C ALA A 113 -5.16 -11.46 6.05
N SER A 114 -4.67 -10.58 6.92
CA SER A 114 -4.69 -9.14 6.63
C SER A 114 -3.33 -8.52 6.30
N ASP A 115 -2.26 -9.32 6.39
CA ASP A 115 -0.89 -8.85 6.13
C ASP A 115 -0.54 -7.63 7.00
N THR A 116 -0.88 -7.73 8.29
CA THR A 116 -0.64 -6.65 9.24
C THR A 116 0.14 -7.12 10.45
N VAL A 117 0.78 -6.17 11.13
CA VAL A 117 1.39 -6.41 12.43
C VAL A 117 0.77 -5.47 13.46
N LEU A 118 0.73 -5.88 14.72
CA LEU A 118 0.28 -5.00 15.79
C LEU A 118 1.40 -4.07 16.26
N TYR A 119 1.03 -2.86 16.66
CA TYR A 119 2.01 -1.91 17.17
C TYR A 119 1.51 -1.21 18.42
N SER A 120 2.46 -0.72 19.21
CA SER A 120 2.20 0.06 20.42
C SER A 120 3.16 1.24 20.44
N ARG A 121 2.60 2.45 20.45
CA ARG A 121 3.42 3.66 20.46
C ARG A 121 2.87 4.72 21.41
N THR A 122 3.70 5.74 21.66
CA THR A 122 3.34 6.85 22.54
C THR A 122 3.10 8.13 21.74
N THR A 123 3.20 8.02 20.42
CA THR A 123 3.25 9.18 19.54
C THR A 123 1.89 9.53 18.93
N ALA A 124 1.67 9.17 17.67
CA ALA A 124 0.45 9.56 16.96
C ALA A 124 -0.74 8.65 17.25
N ASP A 125 -1.92 9.25 17.36
CA ASP A 125 -3.17 8.50 17.39
C ASP A 125 -3.43 7.93 15.98
N PRO A 126 -3.93 6.68 15.89
CA PRO A 126 -4.20 5.76 17.00
C PRO A 126 -2.91 5.15 17.54
N LYS A 127 -2.75 5.15 18.85
CA LYS A 127 -1.49 4.75 19.49
C LYS A 127 -1.31 3.23 19.53
N PHE A 128 -2.41 2.50 19.37
CA PHE A 128 -2.39 1.05 19.24
C PHE A 128 -3.19 0.69 18.00
N GLY A 129 -2.76 -0.35 17.31
CA GLY A 129 -3.48 -0.80 16.12
C GLY A 129 -2.70 -1.79 15.30
N ASN A 130 -3.13 -1.98 14.06
CA ASN A 130 -2.41 -2.81 13.10
C ASN A 130 -1.84 -1.99 11.96
N PHE A 131 -0.93 -2.59 11.19
CA PHE A 131 -0.13 -1.84 10.23
C PHE A 131 0.47 -2.76 9.17
N THR A 132 0.39 -2.32 7.91
CA THR A 132 1.05 -2.99 6.81
C THR A 132 2.13 -2.05 6.28
N GLY A 133 3.39 -2.42 6.48
CA GLY A 133 4.48 -1.59 6.00
C GLY A 133 5.82 -1.97 6.60
N ALA A 134 6.71 -0.98 6.64
CA ALA A 134 8.08 -1.16 7.08
C ALA A 134 8.18 -1.61 8.54
N LYS A 135 9.33 -2.20 8.86
CA LYS A 135 9.59 -2.63 10.23
C LYS A 135 9.97 -1.42 11.07
N TYR A 136 9.22 -1.24 12.16
CA TYR A 136 9.52 -0.25 13.17
C TYR A 136 9.60 -0.97 14.51
N ASP A 137 10.39 -0.40 15.42
CA ASP A 137 10.59 -0.99 16.73
C ASP A 137 9.33 -1.05 17.58
N ASP A 138 8.36 -0.18 17.30
CA ASP A 138 7.10 -0.17 18.05
C ASP A 138 6.18 -1.35 17.72
N GLN A 139 6.64 -2.20 16.81
CA GLN A 139 5.93 -3.42 16.44
C GLN A 139 6.46 -4.65 17.20
N LEU A 140 7.38 -4.41 18.13
CA LEU A 140 8.06 -5.52 18.83
C LEU A 140 7.44 -5.84 20.19
N TRP A 141 7.21 -7.13 20.41
CA TRP A 141 6.51 -7.63 21.59
C TRP A 141 7.28 -8.68 22.34
N HIS A 142 6.91 -8.86 23.60
CA HIS A 142 7.39 -9.95 24.46
C HIS A 142 6.24 -10.78 24.96
N PHE A 143 6.48 -12.07 25.12
CA PHE A 143 5.59 -12.91 25.93
C PHE A 143 6.00 -12.76 27.39
N GLU A 144 5.11 -12.24 28.21
CA GLU A 144 5.38 -12.09 29.63
C GLU A 144 4.63 -13.16 30.43
N LEU A 145 5.33 -14.24 30.77
CA LEU A 145 4.71 -15.35 31.46
C LEU A 145 4.28 -14.92 32.86
N VAL A 146 3.10 -15.37 33.29
CA VAL A 146 2.58 -15.03 34.61
C VAL A 146 2.57 -16.25 35.54
N VAL B 1 5.48 -7.51 4.35
CA VAL B 1 4.49 -6.98 3.37
C VAL B 1 4.45 -7.92 2.17
N ASN B 2 3.25 -8.35 1.78
CA ASN B 2 3.12 -9.19 0.60
C ASN B 2 3.56 -8.45 -0.65
N PHE B 3 4.22 -9.16 -1.56
CA PHE B 3 4.65 -8.57 -2.82
C PHE B 3 3.43 -7.99 -3.55
N PRO B 4 3.48 -6.70 -3.91
CA PRO B 4 2.30 -6.05 -4.48
C PRO B 4 1.99 -6.41 -5.94
N ASN B 5 2.97 -6.99 -6.64
CA ASN B 5 2.81 -7.36 -8.06
C ASN B 5 2.90 -8.86 -8.31
N ILE B 6 1.99 -9.61 -7.69
CA ILE B 6 1.92 -11.05 -7.89
C ILE B 6 1.10 -11.30 -9.15
N PRO B 7 1.62 -12.14 -10.07
CA PRO B 7 0.87 -12.41 -11.31
C PRO B 7 -0.54 -12.89 -11.02
N ALA B 8 -1.48 -12.46 -11.86
CA ALA B 8 -2.87 -12.91 -11.78
C ALA B 8 -2.93 -14.42 -11.87
N GLU B 9 -3.94 -14.99 -11.23
CA GLU B 9 -4.11 -16.44 -11.20
C GLU B 9 -4.16 -17.01 -12.62
N GLY B 10 -3.31 -18.00 -12.87
CA GLY B 10 -3.26 -18.65 -14.18
C GLY B 10 -2.28 -18.05 -15.18
N VAL B 11 -1.75 -16.86 -14.87
CA VAL B 11 -0.75 -16.22 -15.73
C VAL B 11 0.59 -16.94 -15.60
N GLN B 12 1.27 -17.11 -16.73
CA GLN B 12 2.54 -17.85 -16.77
C GLN B 12 3.74 -16.94 -16.53
N PHE B 13 4.76 -17.49 -15.87
CA PHE B 13 5.96 -16.73 -15.53
C PHE B 13 7.13 -17.67 -15.25
N ARG B 14 8.34 -17.11 -15.29
CA ARG B 14 9.51 -17.79 -14.75
C ARG B 14 9.86 -17.15 -13.41
N LEU B 15 10.55 -17.92 -12.58
CA LEU B 15 11.08 -17.40 -11.31
C LEU B 15 12.58 -17.26 -11.44
N ARG B 16 13.05 -16.02 -11.54
CA ARG B 16 14.46 -15.75 -11.73
C ARG B 16 15.04 -15.06 -10.51
N ALA B 17 16.16 -15.58 -10.01
CA ALA B 17 16.82 -15.02 -8.84
C ALA B 17 17.45 -13.69 -9.20
N ARG B 18 17.27 -12.69 -8.35
CA ARG B 18 17.75 -11.34 -8.65
C ARG B 18 19.27 -11.30 -8.88
N ASP B 19 20.03 -11.92 -7.97
CA ASP B 19 21.48 -11.77 -7.98
C ASP B 19 22.20 -12.74 -8.92
N THR B 20 21.88 -14.03 -8.85
CA THR B 20 22.54 -14.99 -9.75
C THR B 20 22.03 -14.92 -11.17
N GLY B 21 20.77 -14.51 -11.32
CA GLY B 21 20.11 -14.53 -12.62
C GLY B 21 19.70 -15.93 -13.07
N TYR B 22 19.81 -16.90 -12.17
CA TYR B 22 19.39 -18.28 -12.47
C TYR B 22 17.88 -18.42 -12.33
N VAL B 23 17.31 -19.36 -13.08
CA VAL B 23 15.87 -19.64 -12.98
C VAL B 23 15.60 -21.00 -12.35
N ILE B 24 14.43 -21.12 -11.74
CA ILE B 24 13.97 -22.40 -11.20
C ILE B 24 13.37 -23.24 -12.34
N TYR B 25 13.67 -24.53 -12.33
CA TYR B 25 12.94 -25.47 -13.19
C TYR B 25 12.29 -26.54 -12.31
N SER B 26 11.25 -27.15 -12.87
CA SER B 26 10.53 -28.22 -12.20
C SER B 26 10.18 -29.27 -13.26
N ARG B 27 10.72 -30.47 -13.08
CA ARG B 27 10.52 -31.57 -14.03
C ARG B 27 10.17 -32.87 -13.33
N THR B 28 9.85 -33.91 -14.10
CA THR B 28 9.39 -35.18 -13.54
C THR B 28 10.47 -36.26 -13.52
N GLU B 29 11.51 -36.08 -14.33
CA GLU B 29 12.58 -37.07 -14.43
C GLU B 29 13.96 -36.48 -14.23
N ASN B 30 14.91 -37.32 -13.82
CA ASN B 30 16.32 -36.95 -13.58
C ASN B 30 16.52 -35.96 -12.43
N PRO B 31 16.71 -36.47 -11.20
CA PRO B 31 16.96 -35.64 -10.01
C PRO B 31 18.26 -34.84 -10.13
N PRO B 32 18.30 -33.60 -9.60
CA PRO B 32 17.22 -32.91 -8.88
C PRO B 32 16.06 -32.49 -9.79
N LEU B 33 14.84 -32.81 -9.35
CA LEU B 33 13.64 -32.51 -10.13
C LEU B 33 13.30 -31.03 -10.09
N VAL B 34 13.63 -30.38 -8.98
CA VAL B 34 13.53 -28.92 -8.84
C VAL B 34 14.90 -28.38 -8.46
N TRP B 35 15.40 -27.43 -9.25
CA TRP B 35 16.73 -26.85 -9.06
C TRP B 35 16.85 -25.56 -9.83
N GLN B 36 18.04 -24.97 -9.80
CA GLN B 36 18.30 -23.75 -10.56
C GLN B 36 19.04 -24.05 -11.85
N TYR B 37 18.90 -23.15 -12.81
CA TYR B 37 19.47 -23.34 -14.13
C TYR B 37 19.96 -22.03 -14.73
N ASN B 38 21.15 -22.09 -15.30
CA ASN B 38 21.73 -20.99 -16.03
C ASN B 38 21.84 -21.39 -17.50
N GLY B 39 20.85 -21.00 -18.28
CA GLY B 39 20.81 -21.34 -19.71
C GLY B 39 19.54 -20.88 -20.39
N PRO B 40 19.28 -21.42 -21.60
CA PRO B 40 18.16 -21.05 -22.46
C PRO B 40 16.78 -21.30 -21.83
N PRO B 41 15.74 -20.61 -22.34
CA PRO B 41 14.37 -20.82 -21.87
C PRO B 41 13.81 -22.18 -22.27
N TYR B 42 13.27 -22.90 -21.29
CA TYR B 42 12.58 -24.17 -21.52
C TYR B 42 11.25 -24.17 -20.78
N ASP B 43 10.32 -25.01 -21.23
CA ASP B 43 8.97 -25.06 -20.69
C ASP B 43 8.93 -25.43 -19.20
N ASP B 44 9.89 -26.24 -18.76
CA ASP B 44 9.92 -26.66 -17.36
C ASP B 44 10.35 -25.54 -16.39
N GLN B 45 10.60 -24.35 -16.94
CA GLN B 45 10.84 -23.16 -16.14
C GLN B 45 9.57 -22.31 -16.00
N LEU B 46 8.50 -22.76 -16.66
CA LEU B 46 7.23 -22.01 -16.64
C LEU B 46 6.31 -22.47 -15.52
N PHE B 47 5.76 -21.50 -14.81
CA PHE B 47 4.87 -21.76 -13.67
C PHE B 47 3.63 -20.88 -13.75
N THR B 48 2.58 -21.32 -13.07
CA THR B 48 1.40 -20.49 -12.79
C THR B 48 1.12 -20.55 -11.29
N LEU B 49 0.28 -19.65 -10.81
CA LEU B 49 -0.15 -19.66 -9.42
C LEU B 49 -1.59 -20.10 -9.27
N ILE B 50 -1.81 -20.97 -8.28
CA ILE B 50 -3.16 -21.20 -7.76
C ILE B 50 -3.31 -20.28 -6.56
N TYR B 51 -4.34 -19.45 -6.58
CA TYR B 51 -4.59 -18.53 -5.48
C TYR B 51 -5.26 -19.24 -4.31
N GLY B 52 -4.62 -19.18 -3.14
CA GLY B 52 -5.21 -19.73 -1.94
C GLY B 52 -6.40 -18.90 -1.50
N THR B 53 -7.41 -19.58 -0.96
CA THR B 53 -8.57 -18.90 -0.38
C THR B 53 -8.82 -19.44 1.03
N GLY B 54 -9.68 -18.76 1.78
CA GLY B 54 -10.01 -19.16 3.14
C GLY B 54 -8.76 -19.14 3.99
N PRO B 55 -8.40 -20.29 4.59
CA PRO B 55 -7.20 -20.40 5.42
C PRO B 55 -5.90 -20.20 4.63
N ARG B 56 -5.99 -20.31 3.30
CA ARG B 56 -4.82 -20.16 2.43
CA ARG B 56 -4.80 -20.14 2.47
C ARG B 56 -4.75 -18.77 1.79
N LYS B 57 -5.61 -17.84 2.25
CA LYS B 57 -5.57 -16.47 1.75
C LYS B 57 -4.16 -15.89 1.94
N ASN B 58 -3.65 -15.28 0.87
CA ASN B 58 -2.29 -14.74 0.79
C ASN B 58 -1.19 -15.78 0.63
N LEU B 59 -1.61 -17.03 0.44
CA LEU B 59 -0.71 -18.10 0.04
C LEU B 59 -1.06 -18.58 -1.36
N TYR B 60 -0.09 -19.23 -2.00
CA TYR B 60 -0.19 -19.63 -3.40
C TYR B 60 0.49 -20.97 -3.62
N ALA B 61 -0.11 -21.81 -4.47
CA ALA B 61 0.59 -23.00 -4.95
C ALA B 61 1.25 -22.65 -6.27
N ILE B 62 2.47 -23.15 -6.47
CA ILE B 62 3.26 -22.84 -7.65
C ILE B 62 3.28 -24.07 -8.55
N LYS B 63 2.53 -24.00 -9.65
CA LYS B 63 2.28 -25.15 -10.50
C LYS B 63 3.10 -25.08 -11.78
N SER B 64 3.71 -26.21 -12.13
CA SER B 64 4.53 -26.34 -13.33
C SER B 64 3.65 -26.49 -14.57
N VAL B 65 3.90 -25.66 -15.58
CA VAL B 65 3.12 -25.69 -16.82
C VAL B 65 3.17 -27.04 -17.57
N PRO B 66 4.38 -27.57 -17.87
CA PRO B 66 4.41 -28.80 -18.67
C PRO B 66 3.97 -30.09 -17.97
N ASN B 67 4.07 -30.15 -16.64
CA ASN B 67 3.80 -31.41 -15.93
C ASN B 67 2.69 -31.36 -14.88
N GLY B 68 2.28 -30.15 -14.49
CA GLY B 68 1.15 -29.96 -13.58
C GLY B 68 1.43 -30.19 -12.10
N ARG B 69 2.67 -30.48 -11.74
CA ARG B 69 3.02 -30.68 -10.34
C ARG B 69 3.19 -29.33 -9.67
N VAL B 70 2.92 -29.28 -8.36
CA VAL B 70 3.17 -28.08 -7.58
C VAL B 70 4.47 -28.22 -6.77
N LEU B 71 5.11 -27.09 -6.50
CA LEU B 71 6.34 -27.09 -5.70
C LEU B 71 6.05 -27.38 -4.23
N PHE B 72 7.05 -27.93 -3.55
CA PHE B 72 7.04 -27.97 -2.09
C PHE B 72 8.38 -27.52 -1.54
N SER B 73 8.35 -27.02 -0.30
CA SER B 73 9.56 -26.61 0.39
C SER B 73 9.41 -27.05 1.83
N ARG B 74 10.26 -27.98 2.26
CA ARG B 74 10.16 -28.62 3.56
C ARG B 74 11.54 -28.82 4.19
N THR B 75 11.56 -29.13 5.48
CA THR B 75 12.81 -29.41 6.20
C THR B 75 12.83 -30.82 6.78
N SER B 76 11.72 -31.53 6.60
N SER B 76 11.73 -31.54 6.59
CA SER B 76 11.50 -32.85 7.18
CA SER B 76 11.51 -32.85 7.20
C SER B 76 12.31 -33.95 6.50
C SER B 76 12.19 -34.03 6.48
N ALA B 77 12.36 -33.90 5.16
CA ALA B 77 12.96 -34.96 4.36
C ALA B 77 13.55 -34.44 3.05
N SER B 78 14.62 -35.09 2.60
CA SER B 78 15.20 -34.83 1.28
C SER B 78 14.40 -35.53 0.18
N PRO B 79 14.21 -34.87 -0.98
CA PRO B 79 14.68 -33.51 -1.29
C PRO B 79 13.89 -32.46 -0.53
N TYR B 80 14.57 -31.42 -0.08
CA TYR B 80 13.93 -30.36 0.71
C TYR B 80 13.02 -29.48 -0.16
N VAL B 81 13.47 -29.21 -1.39
CA VAL B 81 12.67 -28.51 -2.38
C VAL B 81 12.37 -29.49 -3.50
N GLY B 82 11.10 -29.60 -3.86
CA GLY B 82 10.69 -30.54 -4.90
C GLY B 82 9.33 -30.24 -5.47
N ASN B 83 8.75 -31.24 -6.12
CA ASN B 83 7.41 -31.11 -6.67
C ASN B 83 6.56 -32.33 -6.39
N ILE B 84 5.25 -32.17 -6.54
CA ILE B 84 4.29 -33.24 -6.25
C ILE B 84 3.00 -32.99 -7.02
N ALA B 85 2.36 -34.07 -7.46
CA ALA B 85 1.09 -33.99 -8.16
C ALA B 85 0.02 -33.32 -7.30
N GLY B 86 -0.98 -32.76 -7.94
CA GLY B 86 -2.09 -32.14 -7.23
C GLY B 86 -2.11 -30.64 -7.37
N ASP B 87 -2.96 -30.01 -6.55
CA ASP B 87 -3.17 -28.57 -6.59
C ASP B 87 -2.83 -27.92 -5.26
N GLY B 88 -2.05 -28.64 -4.44
CA GLY B 88 -1.68 -28.16 -3.12
C GLY B 88 -2.29 -28.96 -1.98
N THR B 89 -2.21 -30.28 -2.09
CA THR B 89 -2.74 -31.19 -1.08
C THR B 89 -2.13 -30.95 0.31
N TYR B 90 -0.83 -30.68 0.35
CA TYR B 90 -0.09 -30.58 1.60
C TYR B 90 0.23 -29.15 1.96
N ASN B 91 0.33 -28.87 3.26
CA ASN B 91 0.58 -27.49 3.69
C ASN B 91 1.91 -26.93 3.19
N ASP B 92 2.90 -27.80 2.98
CA ASP B 92 4.19 -27.36 2.46
C ASP B 92 4.19 -27.08 0.95
N ASN B 93 3.00 -27.15 0.33
CA ASN B 93 2.80 -26.73 -1.05
C ASN B 93 2.41 -25.25 -1.14
N TRP B 94 2.32 -24.55 -0.01
CA TRP B 94 1.76 -23.21 0.01
C TRP B 94 2.74 -22.12 0.35
N PHE B 95 2.85 -21.15 -0.54
CA PHE B 95 3.90 -20.14 -0.48
C PHE B 95 3.36 -18.73 -0.34
N GLN B 96 4.08 -17.92 0.42
CA GLN B 96 3.82 -16.49 0.56
C GLN B 96 4.94 -15.76 -0.19
N PHE B 97 4.58 -14.70 -0.90
CA PHE B 97 5.58 -13.88 -1.58
C PHE B 97 5.76 -12.61 -0.78
N ILE B 98 6.91 -12.51 -0.11
CA ILE B 98 7.16 -11.43 0.84
C ILE B 98 8.14 -10.43 0.24
N GLN B 99 7.66 -9.22 0.01
CA GLN B 99 8.48 -8.15 -0.57
C GLN B 99 9.74 -7.91 0.27
N ASP B 100 10.86 -7.67 -0.39
CA ASP B 100 12.07 -7.30 0.33
C ASP B 100 11.88 -5.97 1.05
N ASP B 101 12.63 -5.79 2.14
CA ASP B 101 12.55 -4.59 2.96
C ASP B 101 13.19 -3.36 2.30
N ASN B 102 14.14 -3.60 1.40
CA ASN B 102 14.88 -2.53 0.74
C ASN B 102 14.56 -2.38 -0.74
N ASP B 103 14.44 -3.52 -1.42
CA ASP B 103 14.17 -3.57 -2.85
C ASP B 103 12.70 -3.89 -3.08
N PRO B 104 11.89 -2.90 -3.52
CA PRO B 104 10.44 -3.11 -3.66
C PRO B 104 10.08 -4.07 -4.79
N ASN B 105 11.05 -4.36 -5.67
CA ASN B 105 10.76 -5.14 -6.87
C ASN B 105 11.11 -6.62 -6.78
N SER B 106 11.66 -7.02 -5.64
CA SER B 106 11.95 -8.43 -5.42
CA SER B 106 12.02 -8.41 -5.38
C SER B 106 11.31 -8.95 -4.14
N PHE B 107 11.24 -10.27 -4.02
CA PHE B 107 10.54 -10.91 -2.93
C PHE B 107 11.20 -12.21 -2.53
N ARG B 108 10.85 -12.67 -1.34
CA ARG B 108 11.22 -14.00 -0.90
C ARG B 108 10.06 -14.96 -1.14
N ILE B 109 10.41 -16.19 -1.49
CA ILE B 109 9.44 -17.26 -1.69
C ILE B 109 9.43 -18.05 -0.39
N TYR B 110 8.47 -17.69 0.45
CA TYR B 110 8.39 -18.15 1.82
C TYR B 110 7.39 -19.28 1.99
N ASN B 111 7.74 -20.29 2.77
CA ASN B 111 6.85 -21.40 3.03
C ASN B 111 6.42 -21.36 4.49
N LEU B 112 5.13 -21.15 4.75
CA LEU B 112 4.62 -21.05 6.12
C LEU B 112 4.77 -22.36 6.91
N ALA B 113 4.53 -23.48 6.24
CA ALA B 113 4.59 -24.79 6.90
C ALA B 113 5.98 -25.09 7.45
N SER B 114 7.01 -24.75 6.67
CA SER B 114 8.38 -25.11 7.03
C SER B 114 9.22 -23.94 7.53
N ASP B 115 8.68 -22.72 7.47
CA ASP B 115 9.38 -21.50 7.88
C ASP B 115 10.70 -21.32 7.12
N THR B 116 10.64 -21.57 5.81
CA THR B 116 11.82 -21.48 4.94
C THR B 116 11.61 -20.49 3.79
N VAL B 117 12.71 -19.98 3.25
CA VAL B 117 12.71 -19.23 1.99
C VAL B 117 13.61 -19.96 0.99
N LEU B 118 13.31 -19.79 -0.30
CA LEU B 118 14.17 -20.36 -1.34
C LEU B 118 15.37 -19.47 -1.62
N TYR B 119 16.50 -20.07 -1.95
CA TYR B 119 17.69 -19.29 -2.30
C TYR B 119 18.39 -19.80 -3.54
N SER B 120 19.17 -18.92 -4.17
CA SER B 120 19.96 -19.25 -5.33
C SER B 120 21.32 -18.58 -5.16
N ARG B 121 22.38 -19.38 -5.16
CA ARG B 121 23.74 -18.83 -5.00
C ARG B 121 24.74 -19.49 -5.93
N THR B 122 25.92 -18.91 -6.01
CA THR B 122 27.00 -19.44 -6.85
C THR B 122 28.15 -19.96 -5.98
N THR B 123 27.96 -19.88 -4.67
CA THR B 123 29.01 -20.19 -3.70
C THR B 123 28.96 -21.65 -3.27
N ALA B 124 28.41 -21.92 -2.08
CA ALA B 124 28.47 -23.25 -1.47
C ALA B 124 27.34 -24.19 -1.91
N ASP B 125 27.67 -25.49 -1.96
CA ASP B 125 26.68 -26.54 -2.17
C ASP B 125 25.88 -26.76 -0.87
N PRO B 126 24.56 -26.98 -0.98
CA PRO B 126 23.78 -26.95 -2.22
C PRO B 126 23.53 -25.51 -2.69
N LYS B 127 23.76 -25.26 -3.98
CA LYS B 127 23.71 -23.90 -4.51
C LYS B 127 22.28 -23.39 -4.69
N PHE B 128 21.33 -24.32 -4.70
CA PHE B 128 19.90 -24.00 -4.66
C PHE B 128 19.29 -24.78 -3.51
N GLY B 129 18.32 -24.18 -2.83
CA GLY B 129 17.62 -24.90 -1.77
C GLY B 129 16.71 -24.01 -0.97
N ASN B 130 16.41 -24.44 0.24
CA ASN B 130 15.65 -23.64 1.18
C ASN B 130 16.44 -23.36 2.45
N PHE B 131 15.94 -22.44 3.26
CA PHE B 131 16.72 -21.92 4.38
C PHE B 131 15.82 -21.27 5.42
N THR B 132 16.05 -21.62 6.67
CA THR B 132 15.42 -20.97 7.81
C THR B 132 16.48 -20.14 8.52
N GLY B 133 16.36 -18.82 8.44
CA GLY B 133 17.30 -17.96 9.12
C GLY B 133 17.26 -16.53 8.62
N ALA B 134 18.39 -15.84 8.75
CA ALA B 134 18.48 -14.43 8.43
C ALA B 134 18.24 -14.12 6.95
N LYS B 135 17.97 -12.86 6.68
CA LYS B 135 17.77 -12.40 5.32
C LYS B 135 19.08 -12.18 4.61
N TYR B 136 19.20 -12.80 3.45
CA TYR B 136 20.33 -12.63 2.56
C TYR B 136 19.78 -12.30 1.17
N ASP B 137 20.57 -11.56 0.39
CA ASP B 137 20.17 -11.13 -0.95
C ASP B 137 19.98 -12.29 -1.91
N ASP B 138 20.62 -13.43 -1.63
CA ASP B 138 20.50 -14.61 -2.49
C ASP B 138 19.13 -15.28 -2.37
N GLN B 139 18.28 -14.72 -1.52
CA GLN B 139 16.91 -15.19 -1.33
C GLN B 139 15.90 -14.36 -2.12
N LEU B 140 16.39 -13.42 -2.92
CA LEU B 140 15.52 -12.49 -3.64
C LEU B 140 15.22 -12.93 -5.08
N TRP B 141 13.94 -12.87 -5.44
CA TRP B 141 13.44 -13.38 -6.72
C TRP B 141 12.63 -12.36 -7.45
N HIS B 142 12.51 -12.54 -8.77
CA HIS B 142 11.59 -11.78 -9.62
C HIS B 142 10.61 -12.73 -10.25
N PHE B 143 9.38 -12.23 -10.46
CA PHE B 143 8.46 -12.85 -11.42
C PHE B 143 8.82 -12.36 -12.82
N GLU B 144 9.24 -13.29 -13.68
CA GLU B 144 9.58 -12.95 -15.06
C GLU B 144 8.41 -13.31 -15.97
N LEU B 145 7.79 -12.29 -16.56
CA LEU B 145 6.55 -12.46 -17.32
C LEU B 145 6.84 -12.86 -18.76
N VAL B 146 6.08 -13.85 -19.24
CA VAL B 146 6.30 -14.42 -20.57
C VAL B 146 5.13 -14.15 -21.51
N VAL C 1 2.88 19.57 -4.29
CA VAL C 1 3.12 20.86 -4.98
C VAL C 1 3.26 20.58 -6.48
N ASN C 2 2.57 21.36 -7.30
CA ASN C 2 2.71 21.23 -8.75
C ASN C 2 4.11 21.61 -9.19
N PHE C 3 4.65 20.85 -10.15
CA PHE C 3 5.96 21.15 -10.69
C PHE C 3 5.99 22.59 -11.20
N PRO C 4 6.98 23.39 -10.76
CA PRO C 4 6.97 24.81 -11.10
C PRO C 4 7.47 25.15 -12.51
N ASN C 5 8.04 24.17 -13.21
CA ASN C 5 8.56 24.41 -14.56
C ASN C 5 7.92 23.49 -15.60
N ILE C 6 6.60 23.59 -15.71
CA ILE C 6 5.84 22.85 -16.72
C ILE C 6 5.95 23.63 -18.04
N PRO C 7 6.28 22.95 -19.15
CA PRO C 7 6.43 23.63 -20.43
C PRO C 7 5.16 24.35 -20.85
N ALA C 8 5.31 25.51 -21.49
CA ALA C 8 4.19 26.26 -22.01
C ALA C 8 3.40 25.41 -22.99
N GLU C 9 2.10 25.68 -23.10
CA GLU C 9 1.24 24.90 -23.99
C GLU C 9 1.80 24.90 -25.41
N GLY C 10 1.95 23.71 -25.97
CA GLY C 10 2.43 23.56 -27.35
C GLY C 10 3.93 23.33 -27.52
N VAL C 11 4.70 23.66 -26.48
CA VAL C 11 6.15 23.46 -26.49
C VAL C 11 6.48 21.96 -26.52
N GLN C 12 7.41 21.57 -27.39
CA GLN C 12 7.77 20.17 -27.56
C GLN C 12 8.84 19.72 -26.57
N PHE C 13 8.72 18.48 -26.11
CA PHE C 13 9.64 17.91 -25.13
C PHE C 13 9.63 16.39 -25.17
N ARG C 14 10.69 15.79 -24.65
CA ARG C 14 10.70 14.37 -24.32
C ARG C 14 10.40 14.23 -22.84
N LEU C 15 9.83 13.08 -22.46
CA LEU C 15 9.66 12.74 -21.06
C LEU C 15 10.71 11.69 -20.71
N ARG C 16 11.73 12.10 -19.97
CA ARG C 16 12.81 11.21 -19.60
C ARG C 16 12.78 10.87 -18.11
N ALA C 17 12.85 9.58 -17.81
CA ALA C 17 12.90 9.12 -16.43
C ALA C 17 14.22 9.50 -15.80
N ARG C 18 14.17 10.07 -14.61
CA ARG C 18 15.37 10.56 -13.93
C ARG C 18 16.40 9.47 -13.69
N ASP C 19 15.95 8.33 -13.16
CA ASP C 19 16.88 7.27 -12.76
C ASP C 19 17.35 6.36 -13.90
N THR C 20 16.42 5.86 -14.72
CA THR C 20 16.83 4.99 -15.84
C THR C 20 17.44 5.77 -16.99
N GLY C 21 17.01 7.02 -17.16
CA GLY C 21 17.37 7.81 -18.33
C GLY C 21 16.63 7.38 -19.60
N TYR C 22 15.64 6.50 -19.45
CA TYR C 22 14.81 6.07 -20.57
C TYR C 22 13.75 7.13 -20.88
N VAL C 23 13.29 7.15 -22.13
CA VAL C 23 12.23 8.09 -22.53
C VAL C 23 10.93 7.36 -22.87
N ILE C 24 9.81 8.06 -22.71
CA ILE C 24 8.52 7.52 -23.15
C ILE C 24 8.35 7.73 -24.66
N TYR C 25 7.83 6.71 -25.33
CA TYR C 25 7.36 6.88 -26.71
C TYR C 25 5.87 6.58 -26.82
N SER C 26 5.26 7.09 -27.88
CA SER C 26 3.83 6.93 -28.13
C SER C 26 3.61 6.79 -29.63
N ARG C 27 3.19 5.60 -30.05
CA ARG C 27 3.01 5.28 -31.46
C ARG C 27 1.66 4.61 -31.70
N THR C 28 1.28 4.45 -32.96
CA THR C 28 -0.05 3.95 -33.31
C THR C 28 -0.10 2.47 -33.63
N GLU C 29 1.05 1.89 -33.95
CA GLU C 29 1.12 0.47 -34.32
C GLU C 29 2.26 -0.27 -33.62
N ASN C 30 2.08 -1.59 -33.50
CA ASN C 30 3.03 -2.50 -32.87
C ASN C 30 3.15 -2.34 -31.35
N PRO C 31 2.37 -3.14 -30.58
CA PRO C 31 2.42 -3.12 -29.12
C PRO C 31 3.79 -3.47 -28.56
N PRO C 32 4.19 -2.84 -27.43
CA PRO C 32 3.42 -1.83 -26.69
C PRO C 32 3.42 -0.46 -27.36
N LEU C 33 2.23 0.13 -27.49
CA LEU C 33 2.08 1.42 -28.19
C LEU C 33 2.65 2.59 -27.39
N VAL C 34 2.62 2.45 -26.07
CA VAL C 34 3.29 3.39 -25.18
C VAL C 34 4.21 2.57 -24.28
N TRP C 35 5.49 2.92 -24.26
CA TRP C 35 6.48 2.21 -23.45
C TRP C 35 7.70 3.08 -23.26
N GLN C 36 8.73 2.52 -22.62
CA GLN C 36 9.99 3.22 -22.44
C GLN C 36 11.02 2.79 -23.48
N TYR C 37 12.01 3.65 -23.71
CA TYR C 37 13.01 3.39 -24.74
C TYR C 37 14.37 3.98 -24.39
N ASN C 38 15.41 3.18 -24.60
CA ASN C 38 16.80 3.60 -24.45
C ASN C 38 17.49 3.53 -25.81
N GLY C 39 17.55 4.66 -26.49
CA GLY C 39 18.17 4.73 -27.80
C GLY C 39 18.10 6.13 -28.39
N PRO C 40 18.34 6.24 -29.72
CA PRO C 40 18.36 7.51 -30.45
C PRO C 40 17.07 8.31 -30.32
N PRO C 41 17.15 9.65 -30.51
CA PRO C 41 15.96 10.49 -30.52
C PRO C 41 15.08 10.25 -31.75
N TYR C 42 13.81 9.93 -31.51
CA TYR C 42 12.83 9.76 -32.58
C TYR C 42 11.61 10.63 -32.32
N ASP C 43 10.86 10.93 -33.38
CA ASP C 43 9.70 11.82 -33.30
C ASP C 43 8.59 11.33 -32.37
N ASP C 44 8.42 10.02 -32.25
CA ASP C 44 7.34 9.47 -31.39
C ASP C 44 7.66 9.54 -29.90
N GLN C 45 8.81 10.13 -29.56
CA GLN C 45 9.17 10.45 -28.19
C GLN C 45 8.87 11.91 -27.88
N LEU C 46 8.35 12.63 -28.87
CA LEU C 46 8.05 14.05 -28.71
C LEU C 46 6.61 14.28 -28.32
N PHE C 47 6.43 15.10 -27.28
CA PHE C 47 5.10 15.41 -26.76
C PHE C 47 4.91 16.92 -26.61
N THR C 48 3.64 17.33 -26.55
CA THR C 48 3.26 18.67 -26.15
C THR C 48 2.16 18.54 -25.10
N LEU C 49 1.90 19.62 -24.37
CA LEU C 49 0.83 19.62 -23.39
C LEU C 49 -0.39 20.38 -23.87
N ILE C 50 -1.57 19.81 -23.62
CA ILE C 50 -2.82 20.56 -23.70
C ILE C 50 -3.16 20.96 -22.26
N TYR C 51 -3.31 22.26 -22.03
CA TYR C 51 -3.58 22.77 -20.68
C TYR C 51 -5.04 22.60 -20.30
N GLY C 52 -5.28 21.94 -19.17
CA GLY C 52 -6.63 21.83 -18.63
C GLY C 52 -7.11 23.15 -18.08
N THR C 53 -8.40 23.42 -18.26
CA THR C 53 -9.02 24.63 -17.71
C THR C 53 -10.30 24.23 -16.96
N GLY C 54 -10.86 25.17 -16.21
CA GLY C 54 -12.06 24.91 -15.42
C GLY C 54 -11.83 23.78 -14.44
N PRO C 55 -12.65 22.71 -14.52
CA PRO C 55 -12.50 21.55 -13.64
C PRO C 55 -11.17 20.81 -13.82
N ARG C 56 -10.47 21.08 -14.93
CA ARG C 56 -9.21 20.41 -15.23
CA ARG C 56 -9.21 20.43 -15.25
C ARG C 56 -8.00 21.34 -15.05
N LYS C 57 -8.22 22.49 -14.39
CA LYS C 57 -7.10 23.38 -14.07
C LYS C 57 -6.07 22.60 -13.24
N ASN C 58 -4.79 22.78 -13.60
CA ASN C 58 -3.68 22.04 -12.99
C ASN C 58 -3.53 20.60 -13.46
N LEU C 59 -4.33 20.22 -14.45
CA LEU C 59 -4.15 18.98 -15.18
C LEU C 59 -3.82 19.26 -16.64
N TYR C 60 -3.26 18.24 -17.30
CA TYR C 60 -2.72 18.39 -18.66
C TYR C 60 -2.90 17.10 -19.42
N ALA C 61 -3.23 17.20 -20.70
CA ALA C 61 -3.16 16.05 -21.59
C ALA C 61 -1.80 16.04 -22.27
N ILE C 62 -1.26 14.86 -22.49
CA ILE C 62 0.08 14.70 -23.03
C ILE C 62 -0.02 14.15 -24.45
N LYS C 63 0.22 15.03 -25.43
CA LYS C 63 -0.15 14.79 -26.82
C LYS C 63 1.07 14.48 -27.70
N SER C 64 1.00 13.38 -28.44
CA SER C 64 2.08 12.97 -29.34
C SER C 64 2.23 13.94 -30.51
N VAL C 65 3.46 14.36 -30.77
CA VAL C 65 3.74 15.24 -31.91
C VAL C 65 3.42 14.58 -33.26
N PRO C 66 4.02 13.40 -33.56
CA PRO C 66 3.75 12.81 -34.88
C PRO C 66 2.33 12.28 -35.12
N ASN C 67 1.70 11.69 -34.11
CA ASN C 67 0.42 11.02 -34.32
C ASN C 67 -0.81 11.66 -33.65
N GLY C 68 -0.57 12.61 -32.76
CA GLY C 68 -1.66 13.38 -32.16
C GLY C 68 -2.44 12.71 -31.04
N ARG C 69 -2.15 11.44 -30.75
CA ARG C 69 -2.82 10.73 -29.66
C ARG C 69 -2.36 11.30 -28.32
N VAL C 70 -3.26 11.31 -27.35
CA VAL C 70 -2.90 11.69 -25.98
C VAL C 70 -2.73 10.45 -25.09
N LEU C 71 -1.90 10.56 -24.06
CA LEU C 71 -1.66 9.44 -23.17
C LEU C 71 -2.86 9.20 -22.28
N PHE C 72 -3.01 7.96 -21.82
CA PHE C 72 -3.93 7.65 -20.73
C PHE C 72 -3.26 6.69 -19.76
N SER C 73 -3.76 6.68 -18.53
CA SER C 73 -3.28 5.78 -17.50
C SER C 73 -4.48 5.31 -16.70
N ARG C 74 -4.76 4.01 -16.78
CA ARG C 74 -5.97 3.44 -16.19
C ARG C 74 -5.66 2.12 -15.48
N THR C 75 -6.63 1.62 -14.73
CA THR C 75 -6.48 0.33 -14.06
C THR C 75 -7.59 -0.67 -14.42
N SER C 76 -8.50 -0.26 -15.31
N SER C 76 -8.49 -0.25 -15.31
CA SER C 76 -9.68 -1.04 -15.64
CA SER C 76 -9.70 -1.02 -15.65
C SER C 76 -9.41 -2.16 -16.65
C SER C 76 -9.50 -2.08 -16.73
N ALA C 77 -8.47 -1.92 -17.55
CA ALA C 77 -8.17 -2.85 -18.65
C ALA C 77 -6.78 -2.62 -19.21
N SER C 78 -6.22 -3.66 -19.82
CA SER C 78 -4.94 -3.56 -20.52
C SER C 78 -5.19 -3.07 -21.95
N PRO C 79 -4.28 -2.25 -22.50
CA PRO C 79 -3.07 -1.75 -21.84
C PRO C 79 -3.38 -0.69 -20.78
N TYR C 80 -2.70 -0.78 -19.64
CA TYR C 80 -2.93 0.15 -18.54
C TYR C 80 -2.44 1.56 -18.87
N VAL C 81 -1.28 1.64 -19.52
CA VAL C 81 -0.78 2.90 -20.03
C VAL C 81 -0.86 2.84 -21.55
N GLY C 82 -1.48 3.85 -22.15
CA GLY C 82 -1.68 3.82 -23.59
C GLY C 82 -1.94 5.18 -24.17
N ASN C 83 -2.46 5.18 -25.38
CA ASN C 83 -2.73 6.42 -26.09
C ASN C 83 -4.04 6.32 -26.84
N ILE C 84 -4.61 7.47 -27.16
CA ILE C 84 -5.92 7.54 -27.80
C ILE C 84 -6.10 8.90 -28.46
N ALA C 85 -6.81 8.93 -29.59
CA ALA C 85 -7.14 10.18 -30.26
C ALA C 85 -8.14 11.00 -29.43
N GLY C 86 -8.31 12.27 -29.78
CA GLY C 86 -9.42 13.07 -29.26
C GLY C 86 -9.12 14.21 -28.29
N ASP C 87 -7.86 14.64 -28.22
CA ASP C 87 -7.44 15.84 -27.46
C ASP C 87 -7.91 15.92 -25.99
N GLY C 88 -7.95 14.77 -25.31
CA GLY C 88 -8.31 14.73 -23.90
C GLY C 88 -9.81 14.56 -23.68
N THR C 89 -10.45 13.81 -24.58
CA THR C 89 -11.88 13.52 -24.48
C THR C 89 -12.24 12.75 -23.21
N TYR C 90 -11.32 11.91 -22.75
CA TYR C 90 -11.58 10.96 -21.66
C TYR C 90 -10.96 11.39 -20.35
N ASN C 91 -11.64 11.07 -19.25
CA ASN C 91 -11.20 11.47 -17.93
C ASN C 91 -9.77 11.05 -17.61
N ASP C 92 -9.41 9.83 -18.02
CA ASP C 92 -8.08 9.29 -17.70
C ASP C 92 -6.98 9.80 -18.64
N ASN C 93 -7.29 10.82 -19.44
CA ASN C 93 -6.29 11.49 -20.27
C ASN C 93 -5.62 12.66 -19.52
N TRP C 94 -6.04 12.91 -18.29
CA TRP C 94 -5.63 14.13 -17.60
C TRP C 94 -4.68 13.91 -16.45
N PHE C 95 -3.51 14.54 -16.56
CA PHE C 95 -2.41 14.30 -15.64
C PHE C 95 -2.00 15.53 -14.87
N GLN C 96 -1.58 15.29 -13.63
CA GLN C 96 -1.00 16.33 -12.79
C GLN C 96 0.49 16.06 -12.70
N PHE C 97 1.30 17.11 -12.74
CA PHE C 97 2.74 16.98 -12.58
C PHE C 97 3.10 17.43 -11.16
N ILE C 98 3.40 16.46 -10.31
CA ILE C 98 3.60 16.73 -8.88
C ILE C 98 5.08 16.68 -8.55
N GLN C 99 5.65 17.83 -8.18
CA GLN C 99 7.06 17.94 -7.82
C GLN C 99 7.41 16.98 -6.69
N ASP C 100 8.58 16.33 -6.79
CA ASP C 100 9.05 15.49 -5.71
C ASP C 100 9.43 16.36 -4.50
N ASP C 101 9.16 15.87 -3.29
CA ASP C 101 9.42 16.66 -2.09
C ASP C 101 10.91 16.73 -1.72
N ASN C 102 11.70 15.80 -2.24
CA ASN C 102 13.14 15.75 -1.94
C ASN C 102 14.03 16.19 -3.10
N ASP C 103 13.52 16.08 -4.32
CA ASP C 103 14.23 16.51 -5.51
C ASP C 103 13.34 17.50 -6.27
N PRO C 104 13.61 18.81 -6.13
CA PRO C 104 12.74 19.81 -6.75
C PRO C 104 12.82 19.82 -8.28
N ASN C 105 13.82 19.14 -8.84
CA ASN C 105 14.03 19.11 -10.28
C ASN C 105 13.26 18.03 -11.02
N SER C 106 12.56 17.15 -10.28
CA SER C 106 11.78 16.10 -10.94
C SER C 106 10.35 16.02 -10.40
N PHE C 107 9.52 15.25 -11.09
CA PHE C 107 8.10 15.18 -10.78
C PHE C 107 7.50 13.82 -11.10
N ARG C 108 6.36 13.54 -10.49
CA ARG C 108 5.57 12.38 -10.84
C ARG C 108 4.51 12.75 -11.85
N ILE C 109 4.22 11.81 -12.74
CA ILE C 109 3.16 11.96 -13.74
C ILE C 109 1.95 11.24 -13.18
N TYR C 110 1.06 12.02 -12.57
CA TYR C 110 -0.05 11.50 -11.78
C TYR C 110 -1.39 11.60 -12.51
N ASN C 111 -2.16 10.52 -12.46
CA ASN C 111 -3.47 10.49 -13.10
C ASN C 111 -4.57 10.57 -12.06
N LEU C 112 -5.38 11.62 -12.12
CA LEU C 112 -6.45 11.83 -11.13
C LEU C 112 -7.59 10.79 -11.25
N ALA C 113 -7.94 10.43 -12.49
CA ALA C 113 -8.99 9.45 -12.73
C ALA C 113 -8.66 8.09 -12.10
N SER C 114 -7.41 7.64 -12.29
CA SER C 114 -7.03 6.29 -11.85
C SER C 114 -6.17 6.24 -10.58
N ASP C 115 -5.77 7.40 -10.05
CA ASP C 115 -4.92 7.48 -8.85
C ASP C 115 -3.61 6.70 -9.03
N THR C 116 -2.99 6.86 -10.20
CA THR C 116 -1.75 6.16 -10.53
C THR C 116 -0.64 7.15 -10.91
N VAL C 117 0.60 6.71 -10.77
CA VAL C 117 1.76 7.42 -11.31
C VAL C 117 2.47 6.52 -12.31
N LEU C 118 3.17 7.12 -13.27
CA LEU C 118 3.98 6.36 -14.22
C LEU C 118 5.36 6.05 -13.65
N TYR C 119 5.88 4.88 -13.97
CA TYR C 119 7.23 4.51 -13.54
C TYR C 119 8.07 3.93 -14.68
N SER C 120 9.38 4.00 -14.49
CA SER C 120 10.36 3.44 -15.42
C SER C 120 11.47 2.77 -14.63
N ARG C 121 11.72 1.49 -14.94
CA ARG C 121 12.76 0.73 -14.23
C ARG C 121 13.49 -0.23 -15.18
N THR C 122 14.61 -0.78 -14.71
CA THR C 122 15.43 -1.70 -15.51
C THR C 122 15.32 -3.13 -14.99
N THR C 123 14.54 -3.32 -13.92
CA THR C 123 14.56 -4.55 -13.13
C THR C 123 13.41 -5.51 -13.45
N ALA C 124 12.35 -5.45 -12.65
CA ALA C 124 11.24 -6.40 -12.73
C ALA C 124 10.21 -6.03 -13.79
N ASP C 125 9.58 -7.06 -14.37
CA ASP C 125 8.46 -6.86 -15.31
C ASP C 125 7.19 -6.45 -14.55
N PRO C 126 6.36 -5.57 -15.14
CA PRO C 126 6.61 -4.80 -16.36
C PRO C 126 7.57 -3.64 -16.04
N LYS C 127 8.57 -3.46 -16.90
CA LYS C 127 9.62 -2.46 -16.65
C LYS C 127 9.14 -1.01 -16.79
N PHE C 128 8.02 -0.82 -17.49
CA PHE C 128 7.34 0.47 -17.59
C PHE C 128 5.87 0.23 -17.28
N GLY C 129 5.23 1.19 -16.62
CA GLY C 129 3.80 1.08 -16.37
C GLY C 129 3.27 2.11 -15.41
N ASN C 130 2.13 1.81 -14.80
CA ASN C 130 1.56 2.68 -13.78
C ASN C 130 1.44 1.97 -12.44
N PHE C 131 1.19 2.74 -11.39
CA PHE C 131 1.30 2.23 -10.02
C PHE C 131 0.54 3.11 -9.03
N THR C 132 -0.18 2.46 -8.14
CA THR C 132 -0.83 3.12 -7.01
C THR C 132 -0.15 2.63 -5.73
N GLY C 133 0.57 3.53 -5.06
CA GLY C 133 1.21 3.19 -3.80
C GLY C 133 2.27 4.18 -3.40
N ALA C 134 3.25 3.70 -2.62
CA ALA C 134 4.30 4.54 -2.05
C ALA C 134 5.15 5.24 -3.10
N LYS C 135 5.81 6.32 -2.67
CA LYS C 135 6.68 7.09 -3.55
C LYS C 135 8.04 6.41 -3.67
N TYR C 136 8.44 6.15 -4.91
CA TYR C 136 9.75 5.60 -5.20
C TYR C 136 10.41 6.46 -6.26
N ASP C 137 11.73 6.43 -6.28
CA ASP C 137 12.52 7.24 -7.21
C ASP C 137 12.27 6.92 -8.68
N ASP C 138 11.87 5.68 -8.98
CA ASP C 138 11.63 5.28 -10.37
C ASP C 138 10.33 5.89 -10.95
N GLN C 139 9.64 6.67 -10.13
CA GLN C 139 8.45 7.39 -10.57
C GLN C 139 8.76 8.84 -10.95
N LEU C 140 10.04 9.19 -10.95
CA LEU C 140 10.44 10.58 -11.18
C LEU C 140 10.86 10.85 -12.62
N TRP C 141 10.34 11.96 -13.15
CA TRP C 141 10.49 12.31 -14.57
C TRP C 141 11.00 13.70 -14.77
N HIS C 142 11.56 13.93 -15.96
CA HIS C 142 11.95 15.26 -16.44
C HIS C 142 11.25 15.63 -17.70
N PHE C 143 10.96 16.92 -17.85
CA PHE C 143 10.65 17.49 -19.16
C PHE C 143 11.96 17.82 -19.85
N GLU C 144 12.21 17.16 -20.98
CA GLU C 144 13.43 17.42 -21.75
C GLU C 144 13.08 18.24 -22.98
N LEU C 145 13.30 19.55 -22.88
CA LEU C 145 12.97 20.47 -23.98
C LEU C 145 13.88 20.21 -25.17
N VAL C 146 13.29 20.27 -26.37
CA VAL C 146 14.03 20.06 -27.61
C VAL C 146 14.17 21.35 -28.41
N VAL D 1 -1.79 8.40 -3.04
CA VAL D 1 -2.88 7.40 -2.91
C VAL D 1 -4.08 8.06 -2.24
N ASN D 2 -5.25 7.90 -2.84
CA ASN D 2 -6.49 8.39 -2.23
C ASN D 2 -6.77 7.65 -0.93
N PHE D 3 -7.22 8.38 0.08
CA PHE D 3 -7.55 7.76 1.36
C PHE D 3 -8.57 6.65 1.13
N PRO D 4 -8.29 5.43 1.65
CA PRO D 4 -9.13 4.28 1.32
C PRO D 4 -10.45 4.17 2.07
N ASN D 5 -10.65 5.00 3.09
CA ASN D 5 -11.88 4.98 3.88
C ASN D 5 -12.55 6.35 3.93
N ILE D 6 -13.02 6.80 2.76
CA ILE D 6 -13.75 8.05 2.63
C ILE D 6 -15.23 7.77 2.88
N PRO D 7 -15.86 8.53 3.79
CA PRO D 7 -17.27 8.29 4.10
C PRO D 7 -18.16 8.32 2.85
N ALA D 8 -19.16 7.44 2.83
CA ALA D 8 -20.14 7.41 1.75
C ALA D 8 -20.93 8.71 1.71
N GLU D 9 -21.46 9.04 0.54
CA GLU D 9 -22.27 10.24 0.36
C GLU D 9 -23.40 10.22 1.40
N GLY D 10 -23.59 11.33 2.09
CA GLY D 10 -24.68 11.47 3.05
C GLY D 10 -24.32 11.09 4.48
N VAL D 11 -23.19 10.40 4.65
CA VAL D 11 -22.70 10.02 5.98
C VAL D 11 -22.07 11.26 6.64
N GLN D 12 -22.42 11.47 7.91
CA GLN D 12 -21.97 12.66 8.64
C GLN D 12 -20.72 12.39 9.45
N PHE D 13 -19.87 13.41 9.54
CA PHE D 13 -18.59 13.29 10.24
C PHE D 13 -18.03 14.64 10.66
N ARG D 14 -17.10 14.59 11.61
CA ARG D 14 -16.23 15.72 11.91
C ARG D 14 -14.89 15.52 11.24
N LEU D 15 -14.19 16.62 10.97
CA LEU D 15 -12.83 16.57 10.48
C LEU D 15 -11.92 16.99 11.61
N ARG D 16 -11.17 16.03 12.16
CA ARG D 16 -10.30 16.29 13.29
C ARG D 16 -8.83 16.17 12.90
N ALA D 17 -8.04 17.18 13.27
CA ALA D 17 -6.61 17.16 13.00
C ALA D 17 -5.91 16.15 13.89
N ARG D 18 -5.06 15.32 13.30
CA ARG D 18 -4.39 14.25 14.01
C ARG D 18 -3.56 14.75 15.20
N ASP D 19 -2.76 15.80 14.98
CA ASP D 19 -1.83 16.24 16.00
C ASP D 19 -2.44 17.18 17.05
N THR D 20 -3.11 18.24 16.61
CA THR D 20 -3.71 19.18 17.55
C THR D 20 -4.94 18.60 18.23
N GLY D 21 -5.66 17.75 17.52
CA GLY D 21 -6.95 17.25 18.00
C GLY D 21 -8.09 18.23 17.81
N TYR D 22 -7.82 19.33 17.10
CA TYR D 22 -8.84 20.35 16.85
C TYR D 22 -9.73 19.89 15.71
N VAL D 23 -10.98 20.39 15.69
CA VAL D 23 -11.91 20.09 14.60
C VAL D 23 -12.17 21.34 13.75
N ILE D 24 -12.53 21.13 12.49
CA ILE D 24 -12.93 22.21 11.61
C ILE D 24 -14.39 22.53 11.88
N TYR D 25 -14.73 23.81 11.87
CA TYR D 25 -16.13 24.22 11.86
C TYR D 25 -16.43 25.07 10.63
N SER D 26 -17.70 25.10 10.25
CA SER D 26 -18.15 25.91 9.12
C SER D 26 -19.51 26.49 9.47
N ARG D 27 -19.52 27.80 9.71
CA ARG D 27 -20.72 28.48 10.19
C ARG D 27 -21.06 29.70 9.32
N THR D 28 -22.16 30.36 9.63
CA THR D 28 -22.65 31.48 8.82
C THR D 28 -22.55 32.82 9.53
N GLU D 29 -22.12 32.80 10.79
CA GLU D 29 -22.00 34.00 11.61
C GLU D 29 -20.63 34.06 12.28
N ASN D 30 -20.16 35.27 12.56
CA ASN D 30 -18.95 35.51 13.36
C ASN D 30 -17.64 35.02 12.74
N PRO D 31 -17.04 35.83 11.85
CA PRO D 31 -15.77 35.47 11.18
C PRO D 31 -14.63 35.23 12.17
N PRO D 32 -13.72 34.27 11.87
CA PRO D 32 -13.68 33.44 10.65
C PRO D 32 -14.81 32.41 10.58
N LEU D 33 -15.48 32.35 9.43
CA LEU D 33 -16.60 31.41 9.24
C LEU D 33 -16.15 29.95 9.18
N VAL D 34 -14.92 29.73 8.72
CA VAL D 34 -14.30 28.40 8.78
C VAL D 34 -12.98 28.53 9.51
N TRP D 35 -12.83 27.75 10.58
CA TRP D 35 -11.61 27.75 11.39
C TRP D 35 -11.52 26.45 12.14
N GLN D 36 -10.53 26.36 13.04
CA GLN D 36 -10.36 25.20 13.90
C GLN D 36 -10.90 25.49 15.30
N TYR D 37 -11.26 24.44 16.02
CA TYR D 37 -11.89 24.61 17.33
C TYR D 37 -11.48 23.52 18.30
N ASN D 38 -11.18 23.94 19.53
CA ASN D 38 -10.89 23.06 20.64
C ASN D 38 -11.95 23.23 21.72
N GLY D 39 -12.95 22.35 21.69
CA GLY D 39 -14.03 22.39 22.67
C GLY D 39 -15.14 21.39 22.38
N PRO D 40 -16.33 21.62 22.96
CA PRO D 40 -17.49 20.75 22.87
C PRO D 40 -18.01 20.54 21.44
N PRO D 41 -18.72 19.43 21.20
CA PRO D 41 -19.36 19.20 19.89
C PRO D 41 -20.48 20.20 19.60
N TYR D 42 -20.39 20.84 18.45
CA TYR D 42 -21.46 21.70 17.91
C TYR D 42 -21.80 21.18 16.52
N ASP D 43 -23.03 21.45 16.08
CA ASP D 43 -23.49 21.00 14.76
C ASP D 43 -22.70 21.60 13.59
N ASP D 44 -22.15 22.81 13.75
CA ASP D 44 -21.37 23.43 12.68
C ASP D 44 -20.01 22.76 12.42
N GLN D 45 -19.71 21.73 13.21
CA GLN D 45 -18.53 20.89 12.99
C GLN D 45 -18.86 19.64 12.17
N LEU D 46 -20.14 19.49 11.81
CA LEU D 46 -20.60 18.31 11.08
C LEU D 46 -20.64 18.55 9.59
N PHE D 47 -20.07 17.60 8.86
CA PHE D 47 -19.99 17.68 7.42
C PHE D 47 -20.48 16.41 6.76
N THR D 48 -20.82 16.53 5.48
CA THR D 48 -21.05 15.40 4.60
C THR D 48 -20.31 15.66 3.28
N LEU D 49 -20.16 14.63 2.47
CA LEU D 49 -19.47 14.78 1.18
C LEU D 49 -20.41 14.71 0.00
N ILE D 50 -20.19 15.59 -0.97
CA ILE D 50 -20.78 15.45 -2.29
C ILE D 50 -19.71 14.78 -3.15
N TYR D 51 -20.04 13.63 -3.73
CA TYR D 51 -19.08 12.87 -4.52
C TYR D 51 -18.96 13.46 -5.92
N GLY D 52 -17.73 13.83 -6.30
CA GLY D 52 -17.46 14.28 -7.65
C GLY D 52 -17.55 13.12 -8.63
N THR D 53 -18.02 13.41 -9.84
CA THR D 53 -18.12 12.42 -10.91
C THR D 53 -17.52 12.99 -12.18
N GLY D 54 -17.30 12.13 -13.16
CA GLY D 54 -16.69 12.54 -14.43
C GLY D 54 -15.34 13.19 -14.16
N PRO D 55 -15.17 14.46 -14.62
CA PRO D 55 -13.92 15.20 -14.43
C PRO D 55 -13.57 15.39 -12.96
N ARG D 56 -14.55 15.26 -12.08
CA ARG D 56 -14.36 15.45 -10.65
C ARG D 56 -14.34 14.14 -9.86
N LYS D 57 -14.28 13.01 -10.55
CA LYS D 57 -14.07 11.73 -9.89
C LYS D 57 -12.80 11.78 -9.03
N ASN D 58 -12.91 11.27 -7.81
CA ASN D 58 -11.86 11.33 -6.79
C ASN D 58 -11.71 12.69 -6.09
N LEU D 59 -12.61 13.61 -6.42
CA LEU D 59 -12.75 14.87 -5.68
C LEU D 59 -14.10 14.93 -4.99
N TYR D 60 -14.19 15.78 -3.98
CA TYR D 60 -15.36 15.86 -3.11
C TYR D 60 -15.59 17.29 -2.67
N ALA D 61 -16.87 17.67 -2.57
CA ALA D 61 -17.23 18.92 -1.91
C ALA D 61 -17.58 18.61 -0.46
N ILE D 62 -17.14 19.47 0.43
CA ILE D 62 -17.28 19.25 1.87
C ILE D 62 -18.40 20.17 2.36
N LYS D 63 -19.56 19.56 2.60
CA LYS D 63 -20.81 20.26 2.79
C LYS D 63 -21.23 20.28 4.26
N SER D 64 -21.57 21.46 4.76
CA SER D 64 -22.04 21.64 6.14
C SER D 64 -23.39 20.98 6.37
N VAL D 65 -23.48 20.18 7.42
CA VAL D 65 -24.75 19.58 7.84
C VAL D 65 -25.82 20.61 8.23
N PRO D 66 -25.51 21.56 9.15
CA PRO D 66 -26.56 22.51 9.52
C PRO D 66 -26.89 23.57 8.46
N ASN D 67 -25.88 24.12 7.79
CA ASN D 67 -26.10 25.27 6.91
C ASN D 67 -26.00 25.01 5.38
N GLY D 68 -25.49 23.85 5.00
CA GLY D 68 -25.49 23.45 3.58
C GLY D 68 -24.40 24.05 2.70
N ARG D 69 -23.64 25.00 3.23
CA ARG D 69 -22.53 25.60 2.50
C ARG D 69 -21.40 24.61 2.33
N VAL D 70 -20.65 24.75 1.25
CA VAL D 70 -19.48 23.90 1.02
C VAL D 70 -18.20 24.68 1.25
N LEU D 71 -17.14 23.97 1.64
CA LEU D 71 -15.85 24.59 1.89
C LEU D 71 -15.17 25.02 0.60
N PHE D 72 -14.34 26.05 0.72
CA PHE D 72 -13.38 26.37 -0.32
C PHE D 72 -11.99 26.61 0.26
N SER D 73 -10.97 26.39 -0.57
CA SER D 73 -9.60 26.68 -0.21
C SER D 73 -8.90 27.28 -1.41
N ARG D 74 -8.48 28.54 -1.25
CA ARG D 74 -7.92 29.32 -2.35
C ARG D 74 -6.75 30.18 -1.86
N THR D 75 -6.00 30.75 -2.79
CA THR D 75 -4.89 31.64 -2.44
C THR D 75 -5.06 33.05 -3.03
N SER D 76 -6.17 33.26 -3.72
N SER D 76 -6.18 33.25 -3.72
CA SER D 76 -6.42 34.49 -4.49
CA SER D 76 -6.44 34.47 -4.50
C SER D 76 -6.94 35.66 -3.66
C SER D 76 -6.97 35.65 -3.68
N ALA D 77 -7.76 35.35 -2.65
CA ALA D 77 -8.38 36.40 -1.82
C ALA D 77 -8.70 35.88 -0.43
N SER D 78 -8.68 36.77 0.56
CA SER D 78 -9.15 36.47 1.91
C SER D 78 -10.68 36.47 1.97
N PRO D 79 -11.28 35.56 2.77
CA PRO D 79 -10.55 34.51 3.52
C PRO D 79 -10.07 33.41 2.58
N TYR D 80 -8.91 32.84 2.89
CA TYR D 80 -8.31 31.80 2.06
C TYR D 80 -9.04 30.47 2.19
N VAL D 81 -9.48 30.17 3.41
CA VAL D 81 -10.34 29.02 3.65
C VAL D 81 -11.68 29.55 4.14
N GLY D 82 -12.76 29.10 3.50
CA GLY D 82 -14.09 29.60 3.82
C GLY D 82 -15.19 28.69 3.33
N ASN D 83 -16.41 29.21 3.34
CA ASN D 83 -17.57 28.48 2.84
C ASN D 83 -18.44 29.30 1.90
N ILE D 84 -19.26 28.61 1.12
CA ILE D 84 -20.12 29.25 0.13
C ILE D 84 -21.29 28.34 -0.22
N ALA D 85 -22.43 28.92 -0.59
CA ALA D 85 -23.57 28.15 -1.08
C ALA D 85 -23.29 27.58 -2.48
N GLY D 86 -24.11 26.65 -2.94
CA GLY D 86 -24.09 26.22 -4.34
C GLY D 86 -23.69 24.81 -4.72
N ASP D 87 -23.51 23.94 -3.72
CA ASP D 87 -23.21 22.51 -3.94
C ASP D 87 -21.97 22.21 -4.80
N GLY D 88 -20.96 23.08 -4.71
CA GLY D 88 -19.72 22.89 -5.47
C GLY D 88 -19.74 23.56 -6.83
N THR D 89 -20.32 24.75 -6.88
CA THR D 89 -20.39 25.56 -8.11
C THR D 89 -19.00 25.97 -8.61
N TYR D 90 -18.07 26.18 -7.67
CA TYR D 90 -16.75 26.72 -8.01
C TYR D 90 -15.66 25.67 -7.96
N ASN D 91 -14.65 25.83 -8.81
CA ASN D 91 -13.55 24.87 -8.89
C ASN D 91 -12.84 24.65 -7.56
N ASP D 92 -12.66 25.71 -6.78
CA ASP D 92 -11.97 25.61 -5.50
C ASP D 92 -12.84 25.01 -4.38
N ASN D 93 -14.01 24.48 -4.74
CA ASN D 93 -14.86 23.74 -3.81
C ASN D 93 -14.54 22.24 -3.79
N TRP D 94 -13.57 21.82 -4.60
CA TRP D 94 -13.33 20.39 -4.79
C TRP D 94 -12.04 19.91 -4.22
N PHE D 95 -12.14 18.92 -3.34
CA PHE D 95 -11.01 18.45 -2.54
C PHE D 95 -10.71 16.99 -2.80
N GLN D 96 -9.41 16.66 -2.74
CA GLN D 96 -8.92 15.30 -2.79
C GLN D 96 -8.45 14.92 -1.39
N PHE D 97 -8.74 13.70 -0.96
CA PHE D 97 -8.26 13.22 0.32
C PHE D 97 -7.10 12.28 0.06
N ILE D 98 -5.89 12.76 0.34
CA ILE D 98 -4.66 12.08 -0.03
C ILE D 98 -4.04 11.44 1.21
N GLN D 99 -4.03 10.10 1.23
CA GLN D 99 -3.47 9.35 2.35
C GLN D 99 -2.02 9.73 2.57
N ASP D 100 -1.61 9.86 3.83
CA ASP D 100 -0.21 10.09 4.13
C ASP D 100 0.62 8.87 3.75
N ASP D 101 1.85 9.12 3.30
CA ASP D 101 2.77 8.07 2.87
C ASP D 101 3.21 7.14 4.01
N ASN D 102 3.34 7.69 5.21
CA ASN D 102 3.84 6.94 6.35
C ASN D 102 2.75 6.51 7.32
N ASP D 103 1.76 7.38 7.50
CA ASP D 103 0.64 7.12 8.39
C ASP D 103 -0.62 6.82 7.58
N PRO D 104 -0.98 5.53 7.48
CA PRO D 104 -2.12 5.14 6.65
C PRO D 104 -3.48 5.59 7.21
N ASN D 105 -3.50 6.02 8.47
CA ASN D 105 -4.75 6.41 9.11
C ASN D 105 -5.11 7.87 8.96
N SER D 106 -4.25 8.66 8.32
CA SER D 106 -4.53 10.06 8.11
CA SER D 106 -4.45 10.08 8.13
C SER D 106 -4.35 10.48 6.67
N PHE D 107 -4.90 11.66 6.34
CA PHE D 107 -4.89 12.15 4.99
C PHE D 107 -4.74 13.67 4.99
N ARG D 108 -4.34 14.21 3.85
CA ARG D 108 -4.33 15.64 3.63
C ARG D 108 -5.59 16.05 2.89
N ILE D 109 -6.12 17.22 3.23
CA ILE D 109 -7.30 17.78 2.57
C ILE D 109 -6.76 18.71 1.50
N TYR D 110 -6.68 18.19 0.28
CA TYR D 110 -5.98 18.84 -0.83
C TYR D 110 -6.94 19.47 -1.82
N ASN D 111 -6.62 20.67 -2.25
CA ASN D 111 -7.44 21.40 -3.21
C ASN D 111 -6.72 21.48 -4.54
N LEU D 112 -7.30 20.85 -5.57
CA LEU D 112 -6.69 20.81 -6.90
C LEU D 112 -6.62 22.19 -7.54
N ALA D 113 -7.65 23.01 -7.35
CA ALA D 113 -7.68 24.34 -7.94
C ALA D 113 -6.54 25.23 -7.44
N SER D 114 -6.27 25.19 -6.13
CA SER D 114 -5.29 26.09 -5.52
C SER D 114 -3.95 25.44 -5.17
N ASP D 115 -3.85 24.13 -5.35
CA ASP D 115 -2.64 23.38 -4.99
C ASP D 115 -2.24 23.61 -3.51
N THR D 116 -3.23 23.53 -2.62
CA THR D 116 -3.01 23.73 -1.19
C THR D 116 -3.54 22.57 -0.37
N VAL D 117 -3.03 22.44 0.85
CA VAL D 117 -3.57 21.53 1.86
C VAL D 117 -3.98 22.33 3.09
N LEU D 118 -4.97 21.82 3.82
CA LEU D 118 -5.35 22.47 5.09
C LEU D 118 -4.42 22.03 6.20
N TYR D 119 -4.14 22.95 7.13
CA TYR D 119 -3.32 22.61 8.29
C TYR D 119 -3.93 23.11 9.59
N SER D 120 -3.53 22.47 10.69
CA SER D 120 -3.96 22.84 12.03
C SER D 120 -2.74 22.82 12.94
N ARG D 121 -2.47 23.95 13.58
CA ARG D 121 -1.32 24.05 14.49
C ARG D 121 -1.64 24.88 15.73
N THR D 122 -0.72 24.87 16.69
CA THR D 122 -0.88 25.63 17.94
C THR D 122 0.15 26.75 18.01
N THR D 123 1.00 26.82 16.99
CA THR D 123 2.17 27.70 17.01
C THR D 123 1.87 29.09 16.46
N ALA D 124 2.35 29.36 15.24
CA ALA D 124 2.29 30.69 14.66
C ALA D 124 0.94 30.98 13.99
N ASP D 125 0.63 32.27 13.90
CA ASP D 125 -0.57 32.73 13.20
C ASP D 125 -0.31 32.76 11.69
N PRO D 126 -1.31 32.37 10.88
CA PRO D 126 -2.59 31.85 11.33
C PRO D 126 -2.50 30.37 11.73
N LYS D 127 -3.12 30.03 12.86
CA LYS D 127 -3.04 28.68 13.43
C LYS D 127 -3.81 27.63 12.62
N PHE D 128 -4.76 28.10 11.81
CA PHE D 128 -5.47 27.27 10.85
C PHE D 128 -5.42 27.98 9.50
N GLY D 129 -5.35 27.21 8.42
CA GLY D 129 -5.32 27.78 7.09
C GLY D 129 -4.93 26.77 6.03
N ASN D 130 -4.48 27.29 4.88
CA ASN D 130 -3.99 26.44 3.80
C ASN D 130 -2.53 26.74 3.47
N PHE D 131 -1.91 25.85 2.69
CA PHE D 131 -0.46 25.86 2.52
C PHE D 131 -0.04 25.11 1.27
N THR D 132 0.88 25.69 0.52
CA THR D 132 1.53 25.04 -0.62
C THR D 132 2.99 24.83 -0.25
N GLY D 133 3.38 23.58 -0.10
CA GLY D 133 4.76 23.25 0.26
C GLY D 133 4.90 21.82 0.71
N ALA D 134 6.00 21.54 1.40
CA ALA D 134 6.34 20.21 1.85
C ALA D 134 5.28 19.60 2.75
N LYS D 135 5.30 18.27 2.83
CA LYS D 135 4.36 17.52 3.66
C LYS D 135 4.80 17.52 5.12
N TYR D 136 3.98 18.11 5.98
CA TYR D 136 4.24 18.14 7.42
C TYR D 136 3.10 17.49 8.17
N ASP D 137 3.37 17.10 9.42
CA ASP D 137 2.41 16.40 10.26
C ASP D 137 1.17 17.21 10.60
N ASP D 138 1.30 18.55 10.63
CA ASP D 138 0.16 19.40 10.99
C ASP D 138 -0.87 19.53 9.86
N GLN D 139 -0.62 18.83 8.76
CA GLN D 139 -1.53 18.79 7.62
C GLN D 139 -2.36 17.51 7.62
N LEU D 140 -2.23 16.71 8.67
CA LEU D 140 -2.89 15.40 8.72
C LEU D 140 -4.22 15.42 9.47
N TRP D 141 -5.23 14.83 8.82
CA TRP D 141 -6.61 14.82 9.31
C TRP D 141 -7.20 13.44 9.41
N HIS D 142 -8.26 13.34 10.22
CA HIS D 142 -9.08 12.13 10.36
C HIS D 142 -10.51 12.45 10.03
N PHE D 143 -11.21 11.48 9.43
CA PHE D 143 -12.67 11.49 9.40
C PHE D 143 -13.16 10.91 10.72
N GLU D 144 -13.97 11.67 11.44
CA GLU D 144 -14.55 11.22 12.69
C GLU D 144 -16.07 11.03 12.52
N LEU D 145 -16.49 9.80 12.31
CA LEU D 145 -17.90 9.49 12.05
C LEU D 145 -18.74 9.72 13.30
N VAL D 146 -19.96 10.25 13.10
CA VAL D 146 -20.86 10.54 14.22
C VAL D 146 -22.12 9.67 14.17
#